data_4TU9
#
_entry.id   4TU9
#
_cell.length_a   164.488
_cell.length_b   37.183
_cell.length_c   101.047
_cell.angle_alpha   90.000
_cell.angle_beta   125.570
_cell.angle_gamma   90.000
#
_symmetry.space_group_name_H-M   'C 1 2 1'
#
loop_
_entity.id
_entity.type
_entity.pdbx_description
1 polymer 'Splicing factor U2AF 65 kDa subunit'
2 polymer "DNA (5'-D(*UP*UP*UP*UP*(BRU)P*DG*U)-3')"
3 non-polymer '1,4-DIETHYLENE DIOXIDE'
4 non-polymer 'SULFATE ION'
5 non-polymer GLYCEROL
6 non-polymer N,N-BIS(3-D-GLUCONAMIDOPROPYL)DEOXYCHOLAMIDE
7 water water
#
loop_
_entity_poly.entity_id
_entity_poly.type
_entity_poly.pdbx_seq_one_letter_code
_entity_poly.pdbx_strand_id
1 'polypeptide(L)'
;GPLGSARRLYVGNIPFGITEEAMMDFFNAQMRLGGLTQAPGNPVLAVQINQDKNFAFLEFRSVDETTQAMAFDGIIFQGQ
SLKIRRPHDYQPLPGAHKLFIGGLPNYLNDDQVKELLTSFGPLKAFNLVKDSATGLSKGYAFCEYVDINVTDQAIAGLNG
MQLGDKKLLVQRAS
;
A,B
2 'polydeoxyribonucleotide' (DU)(DU)(DU)(DU)(BRU)(DG)(DU) P,E
#
loop_
_chem_comp.id
_chem_comp.type
_chem_comp.name
_chem_comp.formula
BRU DNA linking 5-BROMO-2'-DEOXYURIDINE-5'-MONOPHOSPHATE 'C9 H12 Br N2 O8 P'
CPQ non-polymer N,N-BIS(3-D-GLUCONAMIDOPROPYL)DEOXYCHOLAMIDE 'C42 H75 N3 O15'
DG DNA linking 2'-DEOXYGUANOSINE-5'-MONOPHOSPHATE 'C10 H14 N5 O7 P'
DIO non-polymer '1,4-DIETHYLENE DIOXIDE' 'C4 H8 O2'
DU DNA linking 2'-DEOXYURIDINE-5'-MONOPHOSPHATE 'C9 H13 N2 O8 P'
GOL non-polymer GLYCEROL 'C3 H8 O3'
SO4 non-polymer 'SULFATE ION' 'O4 S -2'
#
# COMPACT_ATOMS: atom_id res chain seq x y z
N GLY A 1 15.32 -19.10 -8.32
CA GLY A 1 15.43 -20.50 -7.91
C GLY A 1 15.15 -20.65 -6.43
N PRO A 2 15.46 -21.83 -5.87
CA PRO A 2 15.21 -22.21 -4.47
C PRO A 2 15.76 -21.23 -3.43
N LEU A 3 16.92 -20.62 -3.69
CA LEU A 3 17.54 -19.77 -2.67
C LEU A 3 17.37 -18.28 -2.94
N GLY A 4 16.64 -17.93 -4.00
CA GLY A 4 16.44 -16.53 -4.34
C GLY A 4 15.47 -15.78 -3.45
N SER A 5 15.55 -14.44 -3.49
CA SER A 5 14.59 -13.54 -2.82
C SER A 5 14.52 -13.66 -1.31
N ALA A 6 15.62 -14.03 -0.67
CA ALA A 6 15.59 -14.34 0.76
C ALA A 6 15.93 -13.16 1.65
N ARG A 7 16.28 -12.03 1.04
CA ARG A 7 16.61 -10.81 1.80
C ARG A 7 15.75 -9.63 1.38
N ARG A 8 14.56 -9.93 0.86
CA ARG A 8 13.66 -8.86 0.47
C ARG A 8 12.27 -9.11 1.03
N LEU A 9 11.56 -8.02 1.33
CA LEU A 9 10.14 -8.12 1.70
C LEU A 9 9.31 -7.11 0.92
N TYR A 10 8.08 -7.52 0.62
CA TYR A 10 7.06 -6.66 0.05
C TYR A 10 6.35 -5.90 1.18
N VAL A 11 6.19 -4.60 0.99
CA VAL A 11 5.45 -3.79 1.94
C VAL A 11 4.30 -3.08 1.21
N GLY A 12 3.07 -3.44 1.56
CA GLY A 12 1.91 -2.81 0.97
C GLY A 12 1.28 -1.77 1.88
N ASN A 13 0.41 -0.96 1.29
CA ASN A 13 -0.38 0.04 2.00
C ASN A 13 0.48 1.12 2.64
N ILE A 14 1.54 1.52 1.95
CA ILE A 14 2.45 2.50 2.52
C ILE A 14 1.81 3.90 2.50
N PRO A 15 2.27 4.82 3.37
CA PRO A 15 1.72 6.17 3.42
C PRO A 15 1.90 6.93 2.12
N PHE A 16 0.88 7.67 1.70
CA PHE A 16 0.93 8.48 0.48
C PHE A 16 2.10 9.46 0.50
N GLY A 17 2.92 9.45 -0.55
CA GLY A 17 4.00 10.42 -0.67
C GLY A 17 5.21 10.18 0.22
N ILE A 18 5.23 9.04 0.90
CA ILE A 18 6.38 8.69 1.75
C ILE A 18 7.65 8.52 0.90
N THR A 19 8.80 8.91 1.44
CA THR A 19 10.06 8.77 0.72
C THR A 19 10.70 7.42 1.04
N GLU A 20 11.60 6.97 0.18
CA GLU A 20 12.34 5.74 0.43
C GLU A 20 13.18 5.87 1.70
N GLU A 21 13.80 7.03 1.88
CA GLU A 21 14.65 7.26 3.04
C GLU A 21 13.87 7.27 4.34
N ALA A 22 12.66 7.81 4.31
CA ALA A 22 11.81 7.85 5.49
C ALA A 22 11.36 6.44 5.87
N MET A 23 11.01 5.65 4.87
CA MET A 23 10.60 4.27 5.11
C MET A 23 11.75 3.46 5.68
N MET A 24 12.93 3.62 5.09
CA MET A 24 14.13 2.95 5.56
C MET A 24 14.40 3.30 7.03
N ASP A 25 14.38 4.58 7.33
CA ASP A 25 14.59 5.06 8.70
C ASP A 25 13.56 4.50 9.68
N PHE A 26 12.31 4.41 9.24
CA PHE A 26 11.24 3.88 10.10
C PHE A 26 11.50 2.40 10.44
N PHE A 27 11.80 1.61 9.42
CA PHE A 27 12.02 0.18 9.65
C PHE A 27 13.31 -0.11 10.42
N ASN A 28 14.37 0.64 10.14
CA ASN A 28 15.59 0.47 10.89
C ASN A 28 15.37 0.81 12.35
N ALA A 29 14.58 1.85 12.62
CA ALA A 29 14.31 2.23 14.00
C ALA A 29 13.50 1.16 14.69
N GLN A 30 12.46 0.69 14.02
CA GLN A 30 11.60 -0.35 14.59
C GLN A 30 12.35 -1.66 14.82
N MET A 31 13.20 -2.06 13.87
CA MET A 31 14.07 -3.23 14.06
C MET A 31 14.89 -3.13 15.37
N ARG A 32 15.47 -1.96 15.60
CA ARG A 32 16.26 -1.73 16.81
C ARG A 32 15.41 -1.62 18.09
N LEU A 33 14.34 -0.83 18.06
CA LEU A 33 13.47 -0.70 19.23
C LEU A 33 12.81 -2.02 19.60
N GLY A 34 12.50 -2.82 18.58
CA GLY A 34 11.80 -4.07 18.82
C GLY A 34 12.70 -5.25 19.16
N GLY A 35 14.01 -5.04 19.13
CA GLY A 35 14.97 -6.11 19.38
C GLY A 35 14.98 -7.18 18.33
N LEU A 36 14.82 -6.80 17.06
CA LEU A 36 14.85 -7.79 15.99
C LEU A 36 16.17 -7.85 15.24
N THR A 37 17.13 -6.98 15.55
CA THR A 37 18.39 -7.02 14.83
C THR A 37 19.34 -8.04 15.45
N GLN A 38 20.23 -8.58 14.65
CA GLN A 38 21.14 -9.61 15.13
C GLN A 38 22.57 -9.11 15.33
N ALA A 39 22.79 -7.83 15.04
CA ALA A 39 24.13 -7.24 15.14
C ALA A 39 23.96 -5.75 15.15
N PRO A 40 24.96 -5.02 15.65
CA PRO A 40 24.91 -3.56 15.61
C PRO A 40 24.57 -3.03 14.22
N GLY A 41 23.94 -1.85 14.17
CA GLY A 41 23.71 -1.21 12.89
C GLY A 41 22.31 -1.38 12.36
N ASN A 42 22.14 -0.99 11.10
CA ASN A 42 20.84 -1.00 10.46
C ASN A 42 20.70 -2.21 9.56
N PRO A 43 19.69 -3.04 9.79
CA PRO A 43 19.39 -4.22 8.96
C PRO A 43 18.86 -3.90 7.56
N VAL A 44 18.13 -2.79 7.42
CA VAL A 44 17.59 -2.40 6.12
C VAL A 44 18.61 -1.60 5.33
N LEU A 45 18.98 -2.12 4.16
CA LEU A 45 20.02 -1.48 3.32
C LEU A 45 19.44 -0.50 2.30
N ALA A 46 18.21 -0.75 1.88
CA ALA A 46 17.58 0.05 0.83
C ALA A 46 16.11 -0.25 0.73
N VAL A 47 15.36 0.76 0.29
CA VAL A 47 13.93 0.62 0.01
C VAL A 47 13.67 1.11 -1.41
N GLN A 48 12.99 0.31 -2.21
CA GLN A 48 12.60 0.75 -3.55
C GLN A 48 11.09 0.91 -3.59
N ILE A 49 10.63 2.11 -3.89
CA ILE A 49 9.18 2.36 -3.87
C ILE A 49 8.57 2.48 -5.28
N ASN A 50 7.46 1.77 -5.48
CA ASN A 50 6.58 2.02 -6.61
C ASN A 50 5.46 2.96 -6.18
N GLN A 51 5.54 4.21 -6.60
CA GLN A 51 4.59 5.22 -6.15
C GLN A 51 3.20 5.00 -6.75
N ASP A 52 3.17 4.70 -8.04
CA ASP A 52 1.91 4.49 -8.74
C ASP A 52 1.06 3.36 -8.14
N LYS A 53 1.70 2.28 -7.70
CA LYS A 53 0.96 1.15 -7.20
C LYS A 53 1.05 1.06 -5.68
N ASN A 54 1.70 2.05 -5.08
CA ASN A 54 1.75 2.23 -3.63
C ASN A 54 2.28 1.01 -2.88
N PHE A 55 3.43 0.50 -3.30
CA PHE A 55 4.06 -0.56 -2.54
C PHE A 55 5.57 -0.34 -2.55
N ALA A 56 6.26 -1.01 -1.63
CA ALA A 56 7.72 -0.95 -1.60
C ALA A 56 8.33 -2.34 -1.44
N PHE A 57 9.59 -2.45 -1.81
CA PHE A 57 10.41 -3.60 -1.44
C PHE A 57 11.50 -3.11 -0.49
N LEU A 58 11.68 -3.83 0.60
CA LEU A 58 12.77 -3.57 1.52
C LEU A 58 13.88 -4.56 1.22
N GLU A 59 15.12 -4.09 1.18
CA GLU A 59 16.27 -4.99 1.07
C GLU A 59 17.05 -5.03 2.38
N PHE A 60 17.26 -6.23 2.92
CA PHE A 60 17.92 -6.42 4.19
C PHE A 60 19.37 -6.92 4.03
N ARG A 61 20.19 -6.69 5.05
CA ARG A 61 21.60 -7.07 5.01
C ARG A 61 21.77 -8.55 5.31
N SER A 62 20.76 -9.19 5.89
CA SER A 62 20.89 -10.62 6.20
C SER A 62 19.59 -11.38 5.96
N VAL A 63 19.73 -12.69 5.79
CA VAL A 63 18.57 -13.57 5.62
C VAL A 63 17.73 -13.67 6.90
N ASP A 64 18.38 -13.77 8.06
CA ASP A 64 17.66 -13.98 9.31
C ASP A 64 16.91 -12.72 9.77
N GLU A 65 17.49 -11.54 9.55
CA GLU A 65 16.79 -10.31 9.92
C GLU A 65 15.60 -10.03 9.00
N THR A 66 15.70 -10.41 7.73
CA THR A 66 14.52 -10.39 6.84
C THR A 66 13.37 -11.20 7.43
N THR A 67 13.70 -12.39 7.91
CA THR A 67 12.71 -13.27 8.49
C THR A 67 12.10 -12.66 9.75
N GLN A 68 12.95 -12.08 10.60
CA GLN A 68 12.46 -11.43 11.81
C GLN A 68 11.47 -10.31 11.48
N ALA A 69 11.70 -9.60 10.38
CA ALA A 69 10.89 -8.43 10.06
C ALA A 69 9.46 -8.78 9.63
N MET A 70 9.22 -10.05 9.32
CA MET A 70 7.85 -10.50 9.02
C MET A 70 6.89 -10.24 10.18
N ALA A 71 7.43 -10.17 11.39
CA ALA A 71 6.67 -9.86 12.59
C ALA A 71 6.05 -8.45 12.59
N PHE A 72 6.51 -7.58 11.70
CA PHE A 72 5.97 -6.23 11.65
C PHE A 72 4.67 -6.11 10.85
N ASP A 73 4.16 -7.24 10.37
CA ASP A 73 2.93 -7.20 9.57
C ASP A 73 1.83 -6.48 10.35
N GLY A 74 1.27 -5.44 9.73
CA GLY A 74 0.21 -4.67 10.36
C GLY A 74 0.67 -3.47 11.18
N ILE A 75 1.97 -3.22 11.21
CA ILE A 75 2.47 -2.08 12.00
C ILE A 75 1.91 -0.78 11.42
N ILE A 76 1.52 0.15 12.28
CA ILE A 76 0.95 1.41 11.80
C ILE A 76 2.10 2.36 11.50
N PHE A 77 2.11 2.87 10.28
CA PHE A 77 3.10 3.87 9.89
C PHE A 77 2.37 5.07 9.30
N GLN A 78 2.51 6.23 9.95
CA GLN A 78 1.77 7.45 9.59
C GLN A 78 0.31 7.17 9.27
N GLY A 79 -0.35 6.45 10.17
CA GLY A 79 -1.77 6.19 10.04
C GLY A 79 -2.15 4.95 9.25
N GLN A 80 -1.19 4.37 8.55
CA GLN A 80 -1.48 3.23 7.68
C GLN A 80 -0.95 1.90 8.25
N SER A 81 -1.84 0.90 8.31
CA SER A 81 -1.43 -0.44 8.72
C SER A 81 -0.69 -1.13 7.58
N LEU A 82 0.62 -1.30 7.73
CA LEU A 82 1.44 -1.83 6.63
C LEU A 82 1.20 -3.31 6.40
N LYS A 83 1.18 -3.71 5.12
CA LYS A 83 1.06 -5.13 4.76
C LYS A 83 2.43 -5.71 4.41
N ILE A 84 2.91 -6.67 5.19
CA ILE A 84 4.28 -7.17 5.03
C ILE A 84 4.21 -8.59 4.54
N ARG A 85 4.85 -8.88 3.41
CA ARG A 85 4.80 -10.22 2.84
C ARG A 85 6.14 -10.62 2.27
N ARG A 86 6.32 -11.93 2.08
CA ARG A 86 7.42 -12.45 1.30
C ARG A 86 7.22 -12.07 -0.16
N PRO A 87 8.32 -11.93 -0.89
CA PRO A 87 8.25 -11.84 -2.35
C PRO A 87 7.57 -13.08 -2.90
N HIS A 88 6.81 -12.90 -3.99
CA HIS A 88 6.09 -14.01 -4.59
C HIS A 88 7.02 -15.14 -5.03
N ASP A 89 8.22 -14.81 -5.51
CA ASP A 89 9.14 -15.87 -5.97
C ASP A 89 10.11 -16.33 -4.87
N TYR A 90 9.71 -16.14 -3.62
CA TYR A 90 10.40 -16.74 -2.49
C TYR A 90 9.63 -17.96 -2.06
N GLN A 91 10.32 -19.06 -1.78
CA GLN A 91 9.66 -20.27 -1.31
C GLN A 91 10.52 -20.97 -0.28
N PRO A 92 9.89 -21.50 0.77
CA PRO A 92 10.58 -22.43 1.68
C PRO A 92 11.01 -23.67 0.93
N LEU A 93 11.99 -24.40 1.44
CA LEU A 93 12.41 -25.64 0.81
C LEU A 93 11.28 -26.67 0.88
N PRO A 94 11.28 -27.64 -0.04
CA PRO A 94 10.21 -28.64 -0.09
C PRO A 94 10.04 -29.38 1.23
N GLY A 95 8.79 -29.59 1.64
CA GLY A 95 8.47 -30.30 2.86
C GLY A 95 8.66 -29.54 4.17
N ALA A 96 9.04 -28.28 4.10
CA ALA A 96 9.30 -27.51 5.32
C ALA A 96 8.08 -27.47 6.25
N HIS A 97 6.89 -27.52 5.64
CA HIS A 97 5.64 -27.42 6.39
C HIS A 97 4.69 -28.57 6.06
N LYS A 98 5.23 -29.78 6.00
CA LYS A 98 4.42 -30.95 5.74
C LYS A 98 3.47 -31.16 6.91
N LEU A 99 2.23 -31.54 6.60
CA LEU A 99 1.25 -31.90 7.62
C LEU A 99 0.98 -33.39 7.55
N PHE A 100 0.82 -34.00 8.71
CA PHE A 100 0.28 -35.35 8.84
C PHE A 100 -1.21 -35.25 9.17
N ILE A 101 -2.04 -35.98 8.44
CA ILE A 101 -3.46 -36.06 8.76
C ILE A 101 -3.81 -37.50 9.05
N GLY A 102 -4.23 -37.77 10.28
CA GLY A 102 -4.54 -39.12 10.70
C GLY A 102 -5.96 -39.26 11.22
N GLY A 103 -6.46 -40.50 11.20
CA GLY A 103 -7.81 -40.77 11.68
C GLY A 103 -8.91 -40.57 10.66
N LEU A 104 -8.57 -40.61 9.37
CA LEU A 104 -9.55 -40.49 8.28
C LEU A 104 -10.32 -41.79 8.06
N PRO A 105 -11.62 -41.69 7.74
CA PRO A 105 -12.38 -42.89 7.35
C PRO A 105 -11.75 -43.57 6.13
N ASN A 106 -11.53 -44.88 6.24
CA ASN A 106 -10.80 -45.65 5.22
C ASN A 106 -11.51 -45.76 3.87
N TYR A 107 -12.80 -45.49 3.84
CA TYR A 107 -13.55 -45.61 2.58
C TYR A 107 -13.51 -44.32 1.75
N LEU A 108 -12.92 -43.25 2.24
CA LEU A 108 -12.83 -42.02 1.45
C LEU A 108 -11.63 -42.04 0.51
N ASN A 109 -11.81 -41.55 -0.71
CA ASN A 109 -10.71 -41.51 -1.68
C ASN A 109 -9.94 -40.19 -1.64
N ASP A 110 -8.90 -40.13 -2.47
CA ASP A 110 -8.01 -38.97 -2.54
C ASP A 110 -8.75 -37.65 -2.66
N ASP A 111 -9.57 -37.54 -3.70
CA ASP A 111 -10.35 -36.32 -3.95
C ASP A 111 -11.23 -35.92 -2.77
N GLN A 112 -11.83 -36.93 -2.14
CA GLN A 112 -12.72 -36.67 -1.02
C GLN A 112 -11.97 -36.13 0.19
N VAL A 113 -10.77 -36.66 0.42
CA VAL A 113 -9.96 -36.18 1.54
C VAL A 113 -9.42 -34.77 1.24
N LYS A 114 -8.98 -34.53 0.00
CA LYS A 114 -8.44 -33.22 -0.36
C LYS A 114 -9.50 -32.14 -0.24
N GLU A 115 -10.76 -32.52 -0.41
CA GLU A 115 -11.84 -31.54 -0.34
C GLU A 115 -11.85 -30.89 1.04
N LEU A 116 -11.64 -31.69 2.08
CA LEU A 116 -11.54 -31.13 3.43
C LEU A 116 -10.39 -30.12 3.54
N LEU A 117 -9.24 -30.45 2.95
CA LEU A 117 -8.03 -29.65 3.13
C LEU A 117 -8.02 -28.37 2.28
N THR A 118 -8.48 -28.47 1.03
CA THR A 118 -8.38 -27.35 0.10
C THR A 118 -9.34 -26.24 0.50
N SER A 119 -10.24 -26.53 1.43
CA SER A 119 -11.13 -25.50 1.97
C SER A 119 -10.35 -24.36 2.66
N PHE A 120 -9.10 -24.64 3.03
CA PHE A 120 -8.24 -23.61 3.65
C PHE A 120 -7.32 -22.93 2.64
N GLY A 121 -7.17 -23.52 1.46
CA GLY A 121 -6.25 -22.99 0.47
C GLY A 121 -5.72 -24.08 -0.43
N PRO A 122 -5.07 -23.71 -1.54
CA PRO A 122 -4.53 -24.68 -2.49
C PRO A 122 -3.36 -25.49 -1.92
N LEU A 123 -3.19 -26.72 -2.43
CA LEU A 123 -2.13 -27.62 -1.97
C LEU A 123 -1.05 -27.72 -3.03
N LYS A 124 0.21 -27.76 -2.62
CA LYS A 124 1.27 -28.05 -3.56
C LYS A 124 1.69 -29.52 -3.47
N ALA A 125 1.38 -30.17 -2.35
CA ALA A 125 1.61 -31.62 -2.27
C ALA A 125 0.51 -32.31 -1.49
N PHE A 126 0.21 -33.55 -1.88
CA PHE A 126 -0.76 -34.38 -1.16
C PHE A 126 -0.53 -35.84 -1.50
N ASN A 127 -0.63 -36.71 -0.51
CA ASN A 127 -0.76 -38.13 -0.79
C ASN A 127 -1.49 -38.83 0.34
N LEU A 128 -2.45 -39.66 -0.06
CA LEU A 128 -3.23 -40.49 0.84
C LEU A 128 -2.60 -41.86 0.83
N VAL A 129 -2.16 -42.32 2.00
CA VAL A 129 -1.38 -43.54 2.07
C VAL A 129 -2.33 -44.72 1.92
N LYS A 130 -2.00 -45.60 0.99
CA LYS A 130 -2.85 -46.72 0.64
C LYS A 130 -2.04 -48.02 0.71
N ASP A 131 -2.71 -49.14 0.95
CA ASP A 131 -2.05 -50.44 0.87
C ASP A 131 -1.80 -50.70 -0.61
N SER A 132 -0.53 -50.84 -0.99
CA SER A 132 -0.18 -50.86 -2.42
C SER A 132 -0.72 -52.10 -3.15
N ALA A 133 -0.95 -53.19 -2.42
CA ALA A 133 -1.51 -54.39 -3.02
C ALA A 133 -3.01 -54.20 -3.33
N THR A 134 -3.79 -53.90 -2.30
CA THR A 134 -5.23 -53.75 -2.46
C THR A 134 -5.62 -52.39 -3.00
N GLY A 135 -4.79 -51.39 -2.76
CA GLY A 135 -5.12 -50.01 -3.13
C GLY A 135 -6.03 -49.31 -2.13
N LEU A 136 -6.22 -49.91 -0.95
CA LEU A 136 -7.14 -49.35 0.04
C LEU A 136 -6.47 -48.35 0.98
N SER A 137 -7.22 -47.34 1.37
CA SER A 137 -6.72 -46.26 2.22
C SER A 137 -6.38 -46.76 3.62
N LYS A 138 -5.26 -46.30 4.17
CA LYS A 138 -4.85 -46.67 5.52
C LYS A 138 -5.30 -45.64 6.52
N GLY A 139 -6.01 -44.63 6.04
CA GLY A 139 -6.65 -43.68 6.95
C GLY A 139 -5.80 -42.51 7.38
N TYR A 140 -4.66 -42.31 6.72
CA TYR A 140 -3.84 -41.14 7.00
C TYR A 140 -3.18 -40.60 5.75
N ALA A 141 -2.82 -39.33 5.79
CA ALA A 141 -2.34 -38.63 4.61
C ALA A 141 -1.31 -37.58 4.98
N PHE A 142 -0.62 -37.05 3.98
CA PHE A 142 0.29 -35.92 4.17
C PHE A 142 -0.06 -34.83 3.18
N CYS A 143 0.22 -33.58 3.51
CA CYS A 143 0.02 -32.53 2.54
C CYS A 143 0.86 -31.31 2.85
N GLU A 144 0.91 -30.41 1.87
CA GLU A 144 1.59 -29.13 2.02
C GLU A 144 0.82 -28.07 1.28
N TYR A 145 0.57 -26.96 1.96
CA TYR A 145 -0.13 -25.85 1.34
C TYR A 145 0.79 -24.98 0.49
N VAL A 146 0.25 -24.43 -0.61
CA VAL A 146 1.00 -23.50 -1.44
C VAL A 146 1.46 -22.35 -0.60
N ASP A 147 0.50 -21.68 0.03
CA ASP A 147 0.82 -20.66 0.99
C ASP A 147 1.07 -21.29 2.36
N ILE A 148 2.29 -21.14 2.86
CA ILE A 148 2.68 -21.80 4.11
C ILE A 148 2.05 -21.13 5.35
N ASN A 149 1.52 -19.93 5.16
CA ASN A 149 0.76 -19.28 6.22
C ASN A 149 -0.50 -20.07 6.59
N VAL A 150 -1.06 -20.76 5.61
CA VAL A 150 -2.28 -21.55 5.77
C VAL A 150 -2.10 -22.73 6.73
N THR A 151 -0.87 -23.21 6.85
CA THR A 151 -0.55 -24.41 7.64
C THR A 151 -1.12 -24.39 9.05
N ASP A 152 -0.88 -23.31 9.78
CA ASP A 152 -1.38 -23.19 11.16
C ASP A 152 -2.92 -23.07 11.19
N GLN A 153 -3.49 -22.51 10.12
CA GLN A 153 -4.95 -22.37 10.05
C GLN A 153 -5.64 -23.73 9.90
N ALA A 154 -5.10 -24.59 9.04
CA ALA A 154 -5.64 -25.92 8.83
C ALA A 154 -5.52 -26.77 10.09
N ILE A 155 -4.39 -26.65 10.79
CA ILE A 155 -4.23 -27.31 12.07
C ILE A 155 -5.26 -26.83 13.10
N ALA A 156 -5.33 -25.52 13.30
CA ALA A 156 -6.32 -24.93 14.21
C ALA A 156 -7.74 -25.34 13.81
N GLY A 157 -7.98 -25.46 12.52
CA GLY A 157 -9.32 -25.69 12.01
C GLY A 157 -9.77 -27.13 12.00
N LEU A 158 -8.83 -28.06 11.87
CA LEU A 158 -9.16 -29.48 11.67
C LEU A 158 -8.75 -30.41 12.81
N ASN A 159 -7.68 -30.05 13.53
CA ASN A 159 -7.16 -30.91 14.58
C ASN A 159 -8.19 -31.14 15.66
N GLY A 160 -8.46 -32.42 15.95
CA GLY A 160 -9.34 -32.78 17.03
C GLY A 160 -10.80 -32.69 16.62
N MET A 161 -11.05 -32.41 15.36
CA MET A 161 -12.42 -32.36 14.85
C MET A 161 -13.04 -33.75 14.92
N GLN A 162 -14.33 -33.79 15.19
CA GLN A 162 -15.05 -35.05 15.21
C GLN A 162 -15.31 -35.45 13.76
N LEU A 163 -15.03 -36.70 13.42
CA LEU A 163 -15.23 -37.15 12.06
C LEU A 163 -15.57 -38.63 12.08
N GLY A 164 -16.86 -38.95 11.97
CA GLY A 164 -17.30 -40.31 12.20
C GLY A 164 -17.11 -40.64 13.67
N ASP A 165 -16.59 -41.82 13.96
CA ASP A 165 -16.30 -42.19 15.34
C ASP A 165 -14.81 -42.01 15.67
N LYS A 166 -14.22 -40.98 15.09
N LYS A 166 -14.20 -40.99 15.10
CA LYS A 166 -12.80 -40.68 15.32
CA LYS A 166 -12.79 -40.72 15.35
C LYS A 166 -12.59 -39.20 15.56
C LYS A 166 -12.52 -39.22 15.44
N LYS A 167 -11.43 -38.88 16.14
CA LYS A 167 -11.00 -37.51 16.28
C LYS A 167 -9.89 -37.34 15.25
N LEU A 168 -9.99 -36.32 14.40
CA LEU A 168 -8.94 -36.10 13.41
C LEU A 168 -7.70 -35.62 14.11
N LEU A 169 -6.55 -36.12 13.67
CA LEU A 169 -5.27 -35.60 14.10
C LEU A 169 -4.65 -34.84 12.94
N VAL A 170 -4.38 -33.57 13.14
CA VAL A 170 -3.70 -32.79 12.11
C VAL A 170 -2.57 -32.07 12.78
N GLN A 171 -1.34 -32.40 12.39
CA GLN A 171 -0.19 -31.80 13.03
C GLN A 171 0.96 -31.71 12.04
N ARG A 172 1.95 -30.87 12.34
CA ARG A 172 3.15 -30.85 11.50
C ARG A 172 3.81 -32.22 11.54
N ALA A 173 4.22 -32.70 10.38
CA ALA A 173 4.67 -34.07 10.21
C ALA A 173 6.05 -34.34 10.80
N SER A 174 6.83 -33.28 11.02
CA SER A 174 8.08 -33.42 11.75
C SER A 174 8.31 -32.17 12.60
N GLY B 1 -0.64 16.30 -7.57
CA GLY B 1 -2.09 16.32 -7.45
C GLY B 1 -2.55 16.55 -6.03
N PRO B 2 -2.53 15.48 -5.20
CA PRO B 2 -2.76 15.65 -3.76
C PRO B 2 -1.53 16.28 -3.11
N LEU B 3 -0.54 16.60 -3.94
CA LEU B 3 0.68 17.26 -3.49
C LEU B 3 0.94 18.55 -4.29
N GLY B 4 0.29 18.70 -5.44
CA GLY B 4 0.43 19.91 -6.23
C GLY B 4 -0.04 21.12 -5.44
N SER B 5 -1.10 20.92 -4.68
CA SER B 5 -1.62 21.96 -3.81
C SER B 5 -0.92 21.94 -2.45
N ALA B 6 -0.01 20.97 -2.25
CA ALA B 6 0.80 20.91 -1.03
C ALA B 6 2.03 21.76 -1.19
N ARG B 7 2.18 22.33 -2.38
CA ARG B 7 3.32 23.18 -2.71
C ARG B 7 2.89 24.59 -3.10
N ARG B 8 1.66 24.96 -2.76
CA ARG B 8 1.18 26.32 -3.04
C ARG B 8 0.64 27.02 -1.79
N LEU B 9 0.73 28.34 -1.75
CA LEU B 9 0.14 29.14 -0.69
C LEU B 9 -0.62 30.34 -1.26
N TYR B 10 -1.69 30.69 -0.57
CA TYR B 10 -2.47 31.88 -0.87
C TYR B 10 -1.88 33.08 -0.14
N VAL B 11 -1.72 34.19 -0.85
CA VAL B 11 -1.23 35.43 -0.23
C VAL B 11 -2.26 36.53 -0.43
N GLY B 12 -2.77 37.08 0.66
CA GLY B 12 -3.80 38.10 0.58
C GLY B 12 -3.28 39.45 1.03
N ASN B 13 -4.03 40.50 0.69
CA ASN B 13 -3.70 41.84 1.10
C ASN B 13 -2.40 42.36 0.47
N ILE B 14 -2.16 42.03 -0.78
CA ILE B 14 -0.94 42.48 -1.43
C ILE B 14 -1.10 43.97 -1.79
N PRO B 15 -0.02 44.75 -1.66
CA PRO B 15 -0.05 46.17 -2.03
C PRO B 15 -0.37 46.40 -3.52
N PHE B 16 -1.03 47.50 -3.83
CA PHE B 16 -1.30 47.86 -5.21
C PHE B 16 0.01 47.95 -6.02
N GLY B 17 -0.01 47.46 -7.25
CA GLY B 17 1.11 47.69 -8.15
C GLY B 17 2.29 46.72 -8.04
N ILE B 18 2.25 45.79 -7.10
CA ILE B 18 3.36 44.86 -6.93
C ILE B 18 3.50 43.90 -8.10
N THR B 19 4.74 43.61 -8.47
CA THR B 19 5.02 42.65 -9.53
C THR B 19 5.27 41.25 -8.98
N GLU B 20 5.12 40.26 -9.84
CA GLU B 20 5.36 38.88 -9.45
C GLU B 20 6.83 38.66 -9.09
N GLU B 21 7.74 39.37 -9.75
CA GLU B 21 9.16 39.16 -9.46
C GLU B 21 9.51 39.77 -8.10
N ALA B 22 8.91 40.90 -7.76
CA ALA B 22 9.21 41.52 -6.47
C ALA B 22 8.66 40.66 -5.33
N MET B 23 7.54 39.99 -5.57
CA MET B 23 6.91 39.15 -4.56
C MET B 23 7.78 37.92 -4.32
N MET B 24 8.29 37.38 -5.41
CA MET B 24 9.13 36.19 -5.36
C MET B 24 10.44 36.49 -4.64
N ASP B 25 11.04 37.65 -4.95
CA ASP B 25 12.28 38.05 -4.30
C ASP B 25 12.09 38.23 -2.80
N PHE B 26 10.96 38.84 -2.42
CA PHE B 26 10.65 39.06 -1.01
C PHE B 26 10.51 37.76 -0.22
N PHE B 27 9.79 36.79 -0.77
CA PHE B 27 9.59 35.52 -0.03
C PHE B 27 10.84 34.63 -0.01
N ASN B 28 11.56 34.57 -1.12
CA ASN B 28 12.84 33.87 -1.11
C ASN B 28 13.78 34.47 -0.06
N ALA B 29 13.85 35.80 0.00
CA ALA B 29 14.69 36.47 0.97
C ALA B 29 14.23 36.18 2.40
N GLN B 30 12.92 36.22 2.63
CA GLN B 30 12.37 35.86 3.93
C GLN B 30 12.68 34.42 4.32
N MET B 31 12.53 33.49 3.37
CA MET B 31 12.84 32.08 3.62
C MET B 31 14.29 31.91 4.05
N ARG B 32 15.20 32.52 3.29
CA ARG B 32 16.63 32.42 3.57
C ARG B 32 16.98 33.10 4.89
N LEU B 33 16.35 34.23 5.15
CA LEU B 33 16.58 34.95 6.41
C LEU B 33 16.16 34.13 7.63
N GLY B 34 15.00 33.50 7.57
CA GLY B 34 14.50 32.75 8.72
C GLY B 34 15.21 31.42 8.87
N GLY B 35 16.07 31.11 7.91
CA GLY B 35 16.75 29.83 7.88
C GLY B 35 15.77 28.69 7.66
N LEU B 36 14.75 28.94 6.85
CA LEU B 36 13.67 27.98 6.67
C LEU B 36 13.87 27.06 5.47
N THR B 37 14.89 27.34 4.67
CA THR B 37 15.20 26.51 3.49
C THR B 37 15.85 25.19 3.90
N GLN B 38 15.64 24.15 3.08
CA GLN B 38 16.22 22.83 3.38
C GLN B 38 17.24 22.43 2.32
N ALA B 39 17.64 23.40 1.51
CA ALA B 39 18.59 23.20 0.42
C ALA B 39 19.15 24.55 -0.01
N PRO B 40 20.29 24.55 -0.72
CA PRO B 40 20.72 25.78 -1.36
C PRO B 40 19.68 26.30 -2.35
N GLY B 41 19.69 27.59 -2.63
CA GLY B 41 18.83 28.14 -3.67
C GLY B 41 17.54 28.76 -3.16
N ASN B 42 16.62 28.98 -4.09
CA ASN B 42 15.37 29.67 -3.83
C ASN B 42 14.18 28.71 -3.76
N PRO B 43 13.47 28.68 -2.61
CA PRO B 43 12.32 27.80 -2.43
C PRO B 43 11.09 28.19 -3.25
N VAL B 44 10.92 29.48 -3.55
CA VAL B 44 9.75 29.92 -4.34
C VAL B 44 10.07 29.89 -5.83
N LEU B 45 9.32 29.07 -6.57
CA LEU B 45 9.53 28.89 -8.01
C LEU B 45 8.80 29.91 -8.87
N ALA B 46 7.62 30.34 -8.40
CA ALA B 46 6.81 31.25 -9.19
C ALA B 46 5.72 31.86 -8.33
N VAL B 47 5.29 33.06 -8.72
CA VAL B 47 4.10 33.65 -8.15
C VAL B 47 3.18 34.13 -9.28
N GLN B 48 1.89 33.95 -9.04
CA GLN B 48 0.84 34.47 -9.93
C GLN B 48 -0.05 35.45 -9.20
N ILE B 49 -0.12 36.67 -9.71
CA ILE B 49 -0.85 37.74 -9.05
C ILE B 49 -2.17 38.04 -9.74
N ASN B 50 -3.22 38.19 -8.95
CA ASN B 50 -4.48 38.77 -9.42
C ASN B 50 -4.56 40.20 -8.91
N GLN B 51 -4.24 41.16 -9.76
CA GLN B 51 -4.18 42.57 -9.33
C GLN B 51 -5.57 43.10 -8.95
N ASP B 52 -6.59 42.61 -9.65
CA ASP B 52 -7.96 43.07 -9.43
C ASP B 52 -8.49 42.69 -8.05
N LYS B 53 -8.11 41.51 -7.56
CA LYS B 53 -8.67 41.01 -6.30
C LYS B 53 -7.62 40.99 -5.19
N ASN B 54 -6.45 41.57 -5.49
N ASN B 54 -6.43 41.52 -5.46
CA ASN B 54 -5.35 41.75 -4.55
CA ASN B 54 -5.45 41.77 -4.41
C ASN B 54 -4.98 40.49 -3.77
C ASN B 54 -4.96 40.47 -3.74
N PHE B 55 -4.68 39.45 -4.54
CA PHE B 55 -4.16 38.23 -3.96
C PHE B 55 -3.16 37.61 -4.89
N ALA B 56 -2.42 36.64 -4.38
CA ALA B 56 -1.48 35.92 -5.23
C ALA B 56 -1.37 34.50 -4.77
N PHE B 57 -0.86 33.65 -5.66
CA PHE B 57 -0.45 32.32 -5.29
C PHE B 57 1.06 32.20 -5.43
N LEU B 58 1.68 31.57 -4.44
CA LEU B 58 3.10 31.23 -4.46
C LEU B 58 3.22 29.76 -4.74
N GLU B 59 4.14 29.40 -5.62
CA GLU B 59 4.43 27.99 -5.86
C GLU B 59 5.84 27.69 -5.35
N PHE B 60 5.94 26.68 -4.49
CA PHE B 60 7.21 26.30 -3.87
C PHE B 60 7.81 25.04 -4.51
N ARG B 61 9.12 24.85 -4.33
CA ARG B 61 9.81 23.68 -4.87
C ARG B 61 9.61 22.43 -4.01
N SER B 62 9.17 22.60 -2.78
CA SER B 62 9.05 21.45 -1.89
C SER B 62 7.88 21.60 -0.92
N VAL B 63 7.36 20.45 -0.46
CA VAL B 63 6.24 20.43 0.47
C VAL B 63 6.62 20.96 1.85
N ASP B 64 7.79 20.58 2.36
CA ASP B 64 8.20 21.09 3.67
C ASP B 64 8.49 22.59 3.67
N GLU B 65 9.03 23.13 2.58
CA GLU B 65 9.33 24.56 2.60
C GLU B 65 8.04 25.38 2.50
N THR B 66 7.01 24.78 1.89
CA THR B 66 5.69 25.38 1.84
C THR B 66 5.11 25.46 3.24
N THR B 67 5.22 24.36 3.96
CA THR B 67 4.73 24.31 5.32
C THR B 67 5.45 25.34 6.19
N GLN B 68 6.76 25.45 6.03
CA GLN B 68 7.53 26.44 6.79
C GLN B 68 7.01 27.85 6.54
N ALA B 69 6.66 28.14 5.30
CA ALA B 69 6.26 29.50 4.93
C ALA B 69 4.89 29.91 5.50
N MET B 70 4.14 28.95 6.04
CA MET B 70 2.91 29.30 6.77
C MET B 70 3.22 30.21 7.95
N ALA B 71 4.45 30.15 8.47
CA ALA B 71 4.83 30.99 9.60
C ALA B 71 4.85 32.46 9.25
N PHE B 72 4.73 32.77 7.96
CA PHE B 72 4.84 34.15 7.50
C PHE B 72 3.52 34.87 7.53
N ASP B 73 2.48 34.26 8.10
CA ASP B 73 1.22 35.00 8.20
C ASP B 73 1.46 36.26 9.02
N GLY B 74 0.96 37.39 8.52
CA GLY B 74 1.15 38.66 9.19
C GLY B 74 2.38 39.44 8.75
N ILE B 75 3.26 38.81 7.98
CA ILE B 75 4.54 39.42 7.58
C ILE B 75 4.33 40.77 6.88
N ILE B 76 5.27 41.68 7.08
CA ILE B 76 5.13 43.03 6.55
C ILE B 76 5.79 43.13 5.18
N PHE B 77 5.01 43.54 4.19
CA PHE B 77 5.53 43.77 2.85
C PHE B 77 5.06 45.15 2.41
N GLN B 78 5.98 46.01 2.00
CA GLN B 78 5.67 47.39 1.63
C GLN B 78 4.73 48.03 2.64
N GLY B 79 5.00 47.85 3.93
CA GLY B 79 4.19 48.42 4.97
C GLY B 79 2.92 47.65 5.29
N GLN B 80 2.54 46.68 4.46
CA GLN B 80 1.27 45.97 4.63
C GLN B 80 1.47 44.59 5.26
N SER B 81 0.55 44.19 6.13
CA SER B 81 0.57 42.87 6.71
C SER B 81 -0.07 41.87 5.74
N LEU B 82 0.70 40.86 5.33
CA LEU B 82 0.21 39.89 4.37
C LEU B 82 -0.54 38.76 5.05
N LYS B 83 -1.63 38.33 4.42
CA LYS B 83 -2.39 37.16 4.87
C LYS B 83 -1.92 35.90 4.14
N ILE B 84 -1.49 34.91 4.89
CA ILE B 84 -0.96 33.69 4.30
C ILE B 84 -1.84 32.51 4.68
N ARG B 85 -2.34 31.77 3.70
CA ARG B 85 -3.14 30.59 3.99
C ARG B 85 -2.85 29.43 3.06
N ARG B 86 -3.26 28.24 3.48
CA ARG B 86 -3.36 27.11 2.58
C ARG B 86 -4.31 27.41 1.44
N PRO B 87 -4.07 26.79 0.27
CA PRO B 87 -5.07 26.79 -0.79
C PRO B 87 -6.30 26.05 -0.28
N HIS B 88 -7.48 26.41 -0.77
CA HIS B 88 -8.70 25.74 -0.34
C HIS B 88 -8.70 24.24 -0.67
N ASP B 89 -8.03 23.84 -1.75
CA ASP B 89 -7.97 22.41 -2.10
C ASP B 89 -6.81 21.67 -1.43
N TYR B 90 -6.13 22.31 -0.48
CA TYR B 90 -5.06 21.65 0.26
C TYR B 90 -5.58 20.42 1.00
N GLN B 91 -4.79 19.35 0.97
CA GLN B 91 -5.17 18.11 1.64
C GLN B 91 -4.21 17.82 2.78
N PRO B 92 -4.68 18.03 4.02
CA PRO B 92 -3.87 17.75 5.22
C PRO B 92 -3.55 16.27 5.31
N LEU B 93 -4.52 15.43 4.93
CA LEU B 93 -4.32 13.99 4.84
C LEU B 93 -4.26 13.58 3.38
N PRO B 94 -3.05 13.52 2.83
CA PRO B 94 -2.88 13.19 1.41
C PRO B 94 -3.38 11.78 1.14
N GLY B 95 -4.04 11.57 0.00
CA GLY B 95 -4.55 10.27 -0.37
C GLY B 95 -5.86 9.88 0.31
N ALA B 96 -6.44 10.77 1.11
CA ALA B 96 -7.65 10.44 1.84
C ALA B 96 -8.85 10.21 0.90
N HIS B 97 -8.76 10.66 -0.34
CA HIS B 97 -9.89 10.53 -1.25
C HIS B 97 -9.57 9.62 -2.43
N LYS B 98 -8.43 8.94 -2.34
CA LYS B 98 -8.11 7.86 -3.27
C LYS B 98 -9.19 6.79 -3.17
N LEU B 99 -9.67 6.32 -4.32
CA LEU B 99 -10.71 5.30 -4.38
C LEU B 99 -10.18 3.93 -4.77
N PHE B 100 -10.84 2.91 -4.24
CA PHE B 100 -10.62 1.54 -4.66
C PHE B 100 -11.82 1.10 -5.49
N ILE B 101 -11.56 0.56 -6.67
CA ILE B 101 -12.66 0.04 -7.49
C ILE B 101 -12.47 -1.44 -7.73
N GLY B 102 -13.35 -2.26 -7.14
CA GLY B 102 -13.19 -3.71 -7.19
C GLY B 102 -14.37 -4.37 -7.87
N GLY B 103 -14.21 -5.59 -8.33
CA GLY B 103 -15.31 -6.27 -9.02
C GLY B 103 -15.44 -5.85 -10.47
N LEU B 104 -14.35 -5.36 -11.06
CA LEU B 104 -14.33 -5.02 -12.47
C LEU B 104 -14.30 -6.27 -13.33
N PRO B 105 -15.10 -6.32 -14.40
CA PRO B 105 -14.92 -7.39 -15.39
C PRO B 105 -13.47 -7.39 -15.87
N ASN B 106 -12.85 -8.57 -15.95
CA ASN B 106 -11.41 -8.66 -16.13
C ASN B 106 -10.90 -8.51 -17.56
N TYR B 107 -11.80 -8.29 -18.51
CA TYR B 107 -11.38 -8.01 -19.89
C TYR B 107 -11.24 -6.51 -20.14
N LEU B 108 -11.86 -5.70 -19.28
CA LEU B 108 -11.77 -4.25 -19.46
C LEU B 108 -10.34 -3.77 -19.35
N ASN B 109 -9.93 -2.89 -20.26
CA ASN B 109 -8.59 -2.31 -20.22
C ASN B 109 -8.61 -0.94 -19.54
N ASP B 110 -7.45 -0.29 -19.46
CA ASP B 110 -7.32 1.03 -18.81
C ASP B 110 -8.36 2.04 -19.24
N ASP B 111 -8.38 2.35 -20.54
CA ASP B 111 -9.27 3.36 -21.08
C ASP B 111 -10.74 3.09 -20.77
N GLN B 112 -11.13 1.82 -20.85
CA GLN B 112 -12.50 1.43 -20.61
C GLN B 112 -12.91 1.67 -19.16
N VAL B 113 -12.06 1.24 -18.22
CA VAL B 113 -12.34 1.46 -16.80
C VAL B 113 -12.41 2.95 -16.51
N LYS B 114 -11.50 3.72 -17.10
CA LYS B 114 -11.50 5.17 -16.93
C LYS B 114 -12.77 5.82 -17.47
N GLU B 115 -13.27 5.30 -18.58
CA GLU B 115 -14.49 5.84 -19.18
C GLU B 115 -15.67 5.68 -18.21
N LEU B 116 -15.65 4.60 -17.44
CA LEU B 116 -16.64 4.40 -16.38
C LEU B 116 -16.52 5.50 -15.32
N LEU B 117 -15.28 5.81 -14.94
CA LEU B 117 -15.00 6.77 -13.87
C LEU B 117 -15.17 8.23 -14.26
N THR B 118 -14.81 8.59 -15.48
CA THR B 118 -14.73 10.00 -15.83
C THR B 118 -16.08 10.64 -16.12
N SER B 119 -17.13 9.84 -16.16
CA SER B 119 -18.47 10.40 -16.28
C SER B 119 -18.81 11.24 -15.04
N PHE B 120 -18.01 11.14 -13.99
CA PHE B 120 -18.25 11.98 -12.81
C PHE B 120 -17.31 13.16 -12.74
N GLY B 121 -16.40 13.26 -13.70
CA GLY B 121 -15.42 14.32 -13.68
C GLY B 121 -14.06 13.75 -14.01
N PRO B 122 -13.07 14.63 -14.23
CA PRO B 122 -11.73 14.20 -14.65
C PRO B 122 -10.93 13.59 -13.52
N LEU B 123 -10.06 12.65 -13.85
CA LEU B 123 -9.17 12.03 -12.89
C LEU B 123 -7.83 12.72 -12.84
N LYS B 124 -7.22 12.80 -11.67
CA LYS B 124 -5.83 13.23 -11.63
C LYS B 124 -4.90 12.04 -11.48
N ALA B 125 -5.45 10.90 -11.05
CA ALA B 125 -4.66 9.69 -10.92
C ALA B 125 -5.50 8.46 -11.23
N PHE B 126 -4.93 7.49 -11.94
CA PHE B 126 -5.60 6.23 -12.19
C PHE B 126 -4.62 5.10 -12.38
N ASN B 127 -4.97 3.91 -11.90
CA ASN B 127 -4.23 2.72 -12.29
C ASN B 127 -5.09 1.48 -12.17
N LEU B 128 -5.04 0.65 -13.20
CA LEU B 128 -5.69 -0.64 -13.17
C LEU B 128 -4.61 -1.67 -12.84
N VAL B 129 -4.84 -2.47 -11.80
CA VAL B 129 -3.81 -3.41 -11.37
C VAL B 129 -3.80 -4.63 -12.28
N LYS B 130 -2.61 -4.95 -12.80
CA LYS B 130 -2.44 -6.06 -13.73
C LYS B 130 -1.35 -7.02 -13.26
N ASP B 131 -1.48 -8.28 -13.65
CA ASP B 131 -0.40 -9.24 -13.49
C ASP B 131 0.73 -8.86 -14.42
N SER B 132 1.89 -8.57 -13.86
CA SER B 132 3.05 -8.14 -14.64
C SER B 132 3.52 -9.23 -15.59
N ALA B 133 3.26 -10.49 -15.23
CA ALA B 133 3.59 -11.63 -16.09
C ALA B 133 2.72 -11.65 -17.34
N THR B 134 1.40 -11.70 -17.16
CA THR B 134 0.49 -11.86 -18.29
C THR B 134 0.02 -10.53 -18.88
N GLY B 135 0.04 -9.47 -18.08
CA GLY B 135 -0.49 -8.18 -18.51
C GLY B 135 -2.00 -8.12 -18.33
N LEU B 136 -2.58 -9.17 -17.76
CA LEU B 136 -4.01 -9.27 -17.54
C LEU B 136 -4.46 -8.57 -16.26
N SER B 137 -5.55 -7.82 -16.38
CA SER B 137 -6.17 -7.16 -15.24
C SER B 137 -6.53 -8.13 -14.11
N LYS B 138 -6.29 -7.71 -12.87
CA LYS B 138 -6.63 -8.50 -11.70
C LYS B 138 -8.04 -8.16 -11.23
N GLY B 139 -8.65 -7.20 -11.91
CA GLY B 139 -10.05 -6.91 -11.64
C GLY B 139 -10.32 -5.80 -10.64
N TYR B 140 -9.28 -5.04 -10.31
CA TYR B 140 -9.48 -3.88 -9.46
C TYR B 140 -8.53 -2.76 -9.84
N ALA B 141 -8.92 -1.56 -9.45
CA ALA B 141 -8.21 -0.35 -9.83
C ALA B 141 -8.28 0.67 -8.71
N PHE B 142 -7.49 1.72 -8.83
CA PHE B 142 -7.51 2.83 -7.90
C PHE B 142 -7.61 4.11 -8.70
N CYS B 143 -8.27 5.12 -8.16
CA CYS B 143 -8.22 6.42 -8.80
C CYS B 143 -8.32 7.55 -7.80
N GLU B 144 -8.19 8.77 -8.32
CA GLU B 144 -8.49 9.96 -7.54
C GLU B 144 -8.96 11.07 -8.48
N TYR B 145 -10.03 11.76 -8.13
CA TYR B 145 -10.56 12.84 -8.97
C TYR B 145 -9.81 14.17 -8.81
N VAL B 146 -9.75 14.93 -9.90
CA VAL B 146 -9.22 16.28 -9.86
C VAL B 146 -9.88 17.09 -8.74
N ASP B 147 -11.20 17.05 -8.70
CA ASP B 147 -11.96 17.71 -7.64
C ASP B 147 -12.43 16.68 -6.61
N ILE B 148 -11.87 16.74 -5.41
CA ILE B 148 -12.17 15.70 -4.43
C ILE B 148 -13.64 15.68 -4.03
N ASN B 149 -14.32 16.82 -4.11
CA ASN B 149 -15.76 16.84 -3.84
C ASN B 149 -16.59 15.89 -4.70
N VAL B 150 -16.03 15.45 -5.83
CA VAL B 150 -16.71 14.52 -6.72
C VAL B 150 -16.72 13.10 -6.14
N THR B 151 -15.70 12.79 -5.34
CA THR B 151 -15.45 11.45 -4.80
C THR B 151 -16.69 10.73 -4.27
N ASP B 152 -17.42 11.38 -3.38
CA ASP B 152 -18.58 10.75 -2.76
C ASP B 152 -19.71 10.52 -3.75
N GLN B 153 -19.84 11.43 -4.71
CA GLN B 153 -20.85 11.25 -5.74
C GLN B 153 -20.44 10.11 -6.67
N ALA B 154 -19.14 9.91 -6.86
CA ALA B 154 -18.69 8.77 -7.64
C ALA B 154 -19.02 7.45 -6.91
N ILE B 155 -18.77 7.44 -5.61
CA ILE B 155 -19.12 6.29 -4.78
C ILE B 155 -20.63 6.02 -4.81
N ALA B 156 -21.41 7.08 -4.61
CA ALA B 156 -22.87 6.98 -4.66
C ALA B 156 -23.31 6.39 -5.98
N GLY B 157 -22.76 6.92 -7.08
CA GLY B 157 -23.10 6.45 -8.41
C GLY B 157 -22.60 5.06 -8.77
N LEU B 158 -21.38 4.71 -8.38
CA LEU B 158 -20.77 3.48 -8.88
C LEU B 158 -20.80 2.29 -7.92
N ASN B 159 -20.78 2.54 -6.62
CA ASN B 159 -20.74 1.44 -5.66
C ASN B 159 -22.00 0.59 -5.76
N GLY B 160 -21.81 -0.70 -6.02
CA GLY B 160 -22.93 -1.61 -6.11
C GLY B 160 -23.46 -1.77 -7.53
N MET B 161 -22.98 -0.93 -8.44
CA MET B 161 -23.44 -0.97 -9.83
C MET B 161 -23.27 -2.34 -10.48
N GLN B 162 -24.33 -2.81 -11.13
CA GLN B 162 -24.27 -4.06 -11.87
C GLN B 162 -23.55 -3.81 -13.17
N LEU B 163 -22.52 -4.63 -13.43
CA LEU B 163 -21.71 -4.50 -14.63
C LEU B 163 -21.56 -5.86 -15.29
N GLY B 164 -22.57 -6.23 -16.07
CA GLY B 164 -22.60 -7.53 -16.69
C GLY B 164 -22.62 -8.63 -15.66
N ASP B 165 -21.57 -9.44 -15.66
CA ASP B 165 -21.40 -10.52 -14.71
C ASP B 165 -21.26 -10.04 -13.28
N LYS B 166 -20.73 -8.84 -13.11
CA LYS B 166 -20.21 -8.46 -11.81
C LYS B 166 -20.92 -7.28 -11.15
N LYS B 167 -20.67 -7.13 -9.87
CA LYS B 167 -21.17 -6.00 -9.08
C LYS B 167 -19.96 -5.21 -8.59
N LEU B 168 -19.99 -3.89 -8.76
CA LEU B 168 -18.84 -3.07 -8.38
C LEU B 168 -18.79 -2.73 -6.90
N LEU B 169 -17.57 -2.68 -6.39
CA LEU B 169 -17.29 -2.19 -5.06
C LEU B 169 -16.47 -0.93 -5.21
N VAL B 170 -17.04 0.22 -4.84
CA VAL B 170 -16.30 1.47 -4.87
C VAL B 170 -16.33 2.12 -3.49
N GLN B 171 -15.14 2.39 -2.99
CA GLN B 171 -14.97 2.85 -1.64
C GLN B 171 -13.64 3.54 -1.52
N ARG B 172 -13.50 4.41 -0.54
CA ARG B 172 -12.20 4.99 -0.25
C ARG B 172 -11.21 3.87 0.05
N ALA B 173 -10.07 3.93 -0.63
CA ALA B 173 -9.06 2.89 -0.56
C ALA B 173 -8.44 2.89 0.82
N SER B 174 -8.56 4.04 1.47
CA SER B 174 -8.14 4.32 2.85
C SER B 174 -6.64 4.27 3.00
N1 BRU C 5 4.36 -8.84 -4.50
C2 BRU C 5 5.10 -9.71 -3.67
N3 BRU C 5 4.55 -10.25 -2.57
C4 BRU C 5 3.30 -9.96 -2.20
C5 BRU C 5 2.47 -9.04 -3.03
C6 BRU C 5 3.09 -8.51 -4.18
O2 BRU C 5 6.28 -10.01 -3.96
O4 BRU C 5 2.84 -10.52 -1.19
BR BRU C 5 0.65 -8.59 -2.61
C1' BRU C 5 4.97 -8.27 -5.70
C2' BRU C 5 4.37 -8.82 -7.02
C3' BRU C 5 4.57 -7.64 -7.95
C4' BRU C 5 4.50 -6.41 -7.05
O3' BRU C 5 5.89 -7.72 -8.47
O4' BRU C 5 4.76 -6.87 -5.72
C5' BRU C 5 3.17 -5.65 -7.07
O5' BRU C 5 2.13 -6.58 -6.86
P BRU C 5 0.78 -6.46 -7.70
OP1 BRU C 5 1.09 -6.31 -9.16
OP2 BRU C 5 -0.16 -7.51 -7.24
N1 BRU D 5 -8.03 31.21 -1.73
C2 BRU D 5 -7.34 30.14 -1.12
N3 BRU D 5 -7.13 30.13 0.21
C4 BRU D 5 -7.56 31.14 0.98
C5 BRU D 5 -8.27 32.28 0.36
C6 BRU D 5 -8.47 32.24 -1.01
O2 BRU D 5 -6.94 29.18 -1.81
O4 BRU D 5 -7.40 31.09 2.22
BR BRU D 5 -8.92 33.77 1.40
C1' BRU D 5 -8.24 31.23 -3.19
C2' BRU D 5 -9.69 31.00 -3.64
C3' BRU D 5 -9.70 31.72 -4.97
C4' BRU D 5 -8.71 32.86 -4.79
O3' BRU D 5 -9.21 30.83 -5.97
O4' BRU D 5 -7.87 32.49 -3.70
C5' BRU D 5 -9.36 34.21 -4.48
O5' BRU D 5 -10.30 34.00 -3.44
P BRU D 5 -11.67 34.79 -3.35
OP1 BRU D 5 -12.45 34.63 -4.63
OP2 BRU D 5 -12.34 34.44 -2.06
C1 DIO E . -11.28 -45.65 -1.56
C2 DIO E . -9.22 -45.14 -2.44
C1' DIO E . -10.59 -46.11 -0.31
C2' DIO E . -8.60 -45.65 -1.19
O1 DIO E . -10.54 -44.73 -2.26
O1' DIO E . -9.37 -46.66 -0.64
C1 DIO F . 16.28 -19.62 2.67
C2 DIO F . 14.50 -20.89 2.15
C1' DIO F . 16.32 -19.07 1.30
C2' DIO F . 14.56 -20.38 0.74
O1 DIO F . 15.77 -20.91 2.68
O1' DIO F . 15.08 -19.10 0.69
C1 DIO G . -2.77 -32.33 -5.36
C2 DIO G . -2.52 -30.83 -7.09
C1' DIO G . -1.56 -31.73 -4.72
C2' DIO G . -1.30 -30.30 -6.41
O1 DIO G . -3.40 -31.45 -6.22
O1' DIO G . -0.68 -31.31 -5.70
S SO4 H . -2.56 -11.89 1.47
O1 SO4 H . -3.10 -13.24 1.38
O2 SO4 H . -2.93 -11.13 0.29
O3 SO4 H . -1.10 -11.97 1.56
O4 SO4 H . -3.07 -11.22 2.66
S SO4 I . 17.64 -12.32 -5.18
O1 SO4 I . 18.89 -12.11 -5.91
O2 SO4 I . 16.51 -12.11 -6.08
O3 SO4 I . 17.65 -13.69 -4.65
O4 SO4 I . 17.57 -11.36 -4.08
S SO4 J . 8.00 -16.98 7.30
O1 SO4 J . 7.72 -16.57 5.93
O2 SO4 J . 9.29 -17.66 7.37
O3 SO4 J . 8.03 -15.82 8.20
O4 SO4 J . 6.95 -17.91 7.74
C1 GOL K . 6.55 3.77 -10.45
O1 GOL K . 5.68 4.69 -9.82
C2 GOL K . 7.96 4.01 -9.95
O2 GOL K . 7.90 4.84 -8.79
C3 GOL K . 8.63 2.67 -9.62
O3 GOL K . 8.64 1.82 -10.75
C1 DIO L . -4.32 11.54 -15.81
C2 DIO L . -4.26 9.38 -15.00
C1' DIO L . -5.73 11.31 -16.23
C2' DIO L . -5.67 9.24 -15.47
O1 DIO L . -3.89 10.69 -14.78
O1' DIO L . -5.91 10.00 -16.60
C1 DIO M . -5.79 -5.88 -18.90
C2 DIO M . -7.57 -6.90 -19.81
C1' DIO M . -5.48 -5.17 -20.17
C2' DIO M . -7.33 -6.20 -21.10
O1 DIO M . -6.38 -7.12 -19.16
O1' DIO M . -6.59 -5.01 -20.97
C1 CPQ N . -18.17 1.45 -22.48
C2 CPQ N . -17.72 0.44 -21.47
C3 CPQ N . -19.30 -1.32 -22.42
C4 CPQ N . -20.46 -2.23 -22.16
C5 CPQ N . -20.21 -3.33 -21.11
C6 CPQ N . -19.66 -2.55 -19.89
C7 CPQ N . -19.35 -3.62 -18.87
C8 CPQ N . -20.07 -4.86 -19.24
C9 CPQ N . -20.96 -4.42 -20.31
C10 CPQ N . -19.55 -4.16 -22.16
C11 CPQ N . -16.60 -0.32 -22.12
C12 CPQ N . -19.18 2.47 -21.97
C13 CPQ N . -18.85 3.10 -20.64
C14 CPQ N . -18.40 2.08 -19.64
C15 CPQ N . -17.30 1.16 -20.19
C16 CPQ N . -16.92 0.12 -19.14
C17 CPQ N . -17.93 -1.00 -18.96
C18 CPQ N . -18.48 -1.65 -20.22
C19 CPQ N . -18.85 -0.58 -21.19
C20 CPQ N . -21.71 -5.57 -21.15
C21 CPQ N . -22.68 -5.06 -22.33
C22 CPQ N . -22.45 -6.71 -20.27
C23 CPQ N . -23.96 -6.58 -20.39
O2 CPQ N . -19.97 3.76 -20.13
O4 CPQ N . -21.56 -1.53 -21.71
C57 CPQ N . -24.59 -6.43 -19.04
O58 CPQ N . -25.18 -5.39 -18.74
S SO4 O . 8.67 17.30 -2.13
O1 SO4 O . 8.05 18.16 -3.13
O2 SO4 O . 9.96 16.84 -2.63
O3 SO4 O . 7.79 16.16 -1.87
O4 SO4 O . 8.86 18.07 -0.89
S SO4 P . -9.35 32.83 8.60
O1 SO4 P . -9.35 33.60 7.35
O2 SO4 P . -10.58 32.04 8.67
O3 SO4 P . -8.21 31.92 8.63
O4 SO4 P . -9.28 33.73 9.76
S SO4 Q . -1.40 23.81 8.27
O1 SO4 Q . -1.63 24.23 6.91
O2 SO4 Q . -1.81 22.40 8.39
O3 SO4 Q . 0.03 23.96 8.59
O4 SO4 Q . -2.20 24.64 9.17
C1 GOL R . -3.83 34.47 -9.53
O1 GOL R . -3.31 33.21 -9.12
C2 GOL R . -4.76 34.27 -10.71
O2 GOL R . -4.34 35.07 -11.79
C3 GOL R . -4.78 32.79 -11.10
O3 GOL R . -3.46 32.31 -11.27
#